data_9GUY
#
_entry.id   9GUY
#
_cell.length_a   167.610
_cell.length_b   167.610
_cell.length_c   51.640
_cell.angle_alpha   90.00
_cell.angle_beta   90.00
_cell.angle_gamma   120.00
#
_symmetry.space_group_name_H-M   'P 31 2 1'
#
loop_
_entity.id
_entity.type
_entity.pdbx_description
1 polymer "2'-O-methyltransferase nsp16"
2 polymer 'Non-structural protein 10'
3 non-polymer 1,2-ETHANEDIOL
4 non-polymer '2-(N-MORPHOLINO)-ETHANESULFONIC ACID'
5 non-polymer ~{N}-[(5~{S})-5-azanyl-6-[(3~{S},4~{S},6~{R})-3-[1,3-dimethyl-2,6-bis(oxidanylidene)purin-7-yl]-4-methyl-4,6-bis(oxidanyl)azepan-1-yl]-6-oxidanylidene-hexyl]ethanamide
6 non-polymer S-ADENOSYLMETHIONINE
7 non-polymer 'CHLORIDE ION'
8 non-polymer 'ZINC ION'
9 water water
#
loop_
_entity_poly.entity_id
_entity_poly.type
_entity_poly.pdbx_seq_one_letter_code
_entity_poly.pdbx_strand_id
1 'polypeptide(L)'
;SSQAWQPGVAMPNLYKMQRMLLEKCDLQNYGDSATLPKGIMMNVAKYTQLCQYLNTLTLAVPYNMRVIHFGAGSDKGVAP
GTAVLRQWLPTGTLLVDSDLNDFVSDADSTLIGDCATVHTANKWDLIISDMYDPKTKNVTKENDSKEGFFTYICGFIQQK
LALGGSVAIKITEHSWNADLYKLMGHFAWWTAFVTNVNASSSEAFLIGCNYLGKPREQIDGYVMHANYIFWRNTNPIQLS
SYSLFDMSKFPLKLRGTAVMSLKEGQINDMILSLLSKGRLIIRENNRVVISSDVLVNNENLYFQ
;
B
2 'polypeptide(L)'
;GAGNATEVPANSTVLSFCAFAVDAAKAYKDYLASGGQPITNCVKMLCTHTGTGQAITVTPEANMDQESFGGASCCLYCRC
HIDHPNPKGFCDLKGKYVQIPTTCANDPVGFTLKNTVCTVCGMWKGYGCSCDQLREPMLQ
;
C
#
loop_
_chem_comp.id
_chem_comp.type
_chem_comp.name
_chem_comp.formula
A1IOL non-polymer ~{N}-[(5~{S})-5-azanyl-6-[(3~{S},4~{S},6~{R})-3-[1,3-dimethyl-2,6-bis(oxidanylidene)purin-7-yl]-4-methyl-4,6-bis(oxidanyl)azepan-1-yl]-6-oxidanylidene-hexyl]ethanamide 'C22 H35 N7 O6'
CL non-polymer 'CHLORIDE ION' 'Cl -1'
EDO non-polymer 1,2-ETHANEDIOL 'C2 H6 O2'
MES non-polymer '2-(N-MORPHOLINO)-ETHANESULFONIC ACID' 'C6 H13 N O4 S'
SAM non-polymer S-ADENOSYLMETHIONINE 'C15 H22 N6 O5 S'
ZN non-polymer 'ZINC ION' 'Zn 2'
#
# COMPACT_ATOMS: atom_id res chain seq x y z
N SER A 1 -12.28 5.19 -23.99
CA SER A 1 -13.73 5.24 -23.80
C SER A 1 -14.06 5.03 -22.32
N SER A 2 -14.77 3.93 -22.02
CA SER A 2 -15.15 3.62 -20.65
C SER A 2 -13.97 3.47 -19.72
N GLN A 3 -12.73 3.53 -20.23
CA GLN A 3 -11.56 3.36 -19.37
C GLN A 3 -11.57 4.39 -18.24
N ALA A 4 -12.21 5.55 -18.47
CA ALA A 4 -12.24 6.59 -17.46
C ALA A 4 -12.98 6.17 -16.19
N TRP A 5 -13.89 5.19 -16.26
CA TRP A 5 -14.60 4.75 -15.06
C TRP A 5 -13.97 3.53 -14.41
N GLN A 6 -12.90 3.01 -15.00
CA GLN A 6 -12.10 1.98 -14.36
C GLN A 6 -11.11 2.61 -13.39
N PRO A 7 -10.60 1.84 -12.45
CA PRO A 7 -9.50 2.33 -11.60
C PRO A 7 -8.25 2.63 -12.40
N GLY A 8 -8.10 2.01 -13.57
CA GLY A 8 -6.95 2.25 -14.40
C GLY A 8 -6.96 1.34 -15.59
N VAL A 9 -5.80 1.20 -16.22
CA VAL A 9 -5.64 0.43 -17.45
C VAL A 9 -4.50 -0.56 -17.28
N ALA A 10 -4.75 -1.81 -17.62
CA ALA A 10 -3.73 -2.85 -17.63
C ALA A 10 -3.21 -3.07 -19.05
N MET A 11 -1.92 -3.41 -19.14
CA MET A 11 -1.26 -3.69 -20.40
C MET A 11 -2.03 -4.74 -21.19
N PRO A 12 -2.52 -4.42 -22.39
CA PRO A 12 -3.21 -5.44 -23.20
C PRO A 12 -2.25 -6.55 -23.61
N ASN A 13 -2.77 -7.78 -23.61
CA ASN A 13 -1.90 -8.94 -23.80
C ASN A 13 -1.12 -8.83 -25.10
N LEU A 14 -1.73 -8.29 -26.15
CA LEU A 14 -1.02 -8.26 -27.43
C LEU A 14 0.25 -7.43 -27.34
N TYR A 15 0.30 -6.44 -26.44
CA TYR A 15 1.53 -5.66 -26.32
C TYR A 15 2.63 -6.48 -25.65
N LYS A 16 2.25 -7.45 -24.79
CA LYS A 16 3.21 -8.31 -24.12
C LYS A 16 3.88 -9.25 -25.12
N MET A 17 3.19 -9.58 -26.21
CA MET A 17 3.69 -10.54 -27.18
C MET A 17 4.63 -9.92 -28.21
N GLN A 18 4.90 -8.63 -28.13
CA GLN A 18 5.71 -7.99 -29.15
C GLN A 18 7.19 -8.21 -28.85
N ARG A 19 8.02 -7.68 -29.76
N ARG A 19 8.04 -7.68 -29.73
CA ARG A 19 9.47 -7.69 -29.63
CA ARG A 19 9.48 -7.71 -29.53
C ARG A 19 10.00 -6.30 -29.97
C ARG A 19 10.03 -6.33 -29.92
N MET A 20 9.59 -5.30 -29.19
CA MET A 20 9.96 -3.93 -29.48
C MET A 20 11.34 -3.61 -28.95
N LEU A 21 11.83 -2.44 -29.33
CA LEU A 21 13.07 -1.90 -28.79
C LEU A 21 12.76 -0.74 -27.86
N LEU A 22 13.65 -0.52 -26.90
CA LEU A 22 13.40 0.49 -25.87
C LEU A 22 13.50 1.87 -26.48
N GLU A 23 12.44 2.66 -26.36
CA GLU A 23 12.44 4.08 -26.72
C GLU A 23 12.31 4.93 -25.46
N LYS A 24 12.51 6.23 -25.65
CA LYS A 24 12.16 7.21 -24.63
C LYS A 24 10.63 7.23 -24.47
N CYS A 25 10.17 7.45 -23.24
CA CYS A 25 8.73 7.48 -23.00
C CYS A 25 8.27 8.94 -23.17
N ASP A 26 7.29 9.14 -24.06
CA ASP A 26 6.71 10.43 -24.39
C ASP A 26 5.21 10.31 -24.21
N LEU A 27 4.70 10.86 -23.11
CA LEU A 27 3.29 10.83 -22.77
C LEU A 27 2.70 12.19 -23.13
N GLN A 28 1.64 12.19 -23.96
CA GLN A 28 1.07 13.45 -24.43
C GLN A 28 0.44 14.26 -23.29
N ASN A 29 -0.13 13.60 -22.28
CA ASN A 29 -0.67 14.31 -21.13
C ASN A 29 0.35 14.51 -20.01
N TYR A 30 1.64 14.35 -20.33
CA TYR A 30 2.67 14.58 -19.33
C TYR A 30 2.52 15.93 -18.66
N GLY A 31 2.56 15.94 -17.33
CA GLY A 31 2.44 17.15 -16.57
C GLY A 31 1.03 17.48 -16.13
N ASP A 32 0.03 16.99 -16.86
CA ASP A 32 -1.35 17.13 -16.40
C ASP A 32 -1.53 16.40 -15.06
N SER A 33 -2.54 16.84 -14.31
CA SER A 33 -2.92 16.21 -13.07
C SER A 33 -4.42 15.97 -13.07
N ALA A 34 -4.83 14.86 -12.48
CA ALA A 34 -6.24 14.60 -12.30
C ALA A 34 -6.79 15.45 -11.16
N THR A 35 -8.10 15.65 -11.17
CA THR A 35 -8.75 16.40 -10.11
C THR A 35 -9.15 15.43 -9.00
N LEU A 36 -8.39 15.44 -7.93
CA LEU A 36 -8.65 14.59 -6.80
C LEU A 36 -9.79 15.13 -5.96
N PRO A 37 -10.58 14.25 -5.34
CA PRO A 37 -11.60 14.71 -4.40
C PRO A 37 -10.99 15.62 -3.35
N LYS A 38 -11.83 16.50 -2.80
CA LYS A 38 -11.38 17.50 -1.85
C LYS A 38 -10.58 16.84 -0.73
N GLY A 39 -9.37 17.34 -0.51
CA GLY A 39 -8.55 16.91 0.60
C GLY A 39 -7.89 15.56 0.47
N ILE A 40 -7.98 14.92 -0.67
CA ILE A 40 -7.45 13.58 -0.85
C ILE A 40 -6.05 13.66 -1.45
N MET A 41 -5.11 12.98 -0.78
CA MET A 41 -3.72 12.88 -1.20
C MET A 41 -3.57 12.02 -2.45
N MET A 42 -2.62 12.38 -3.30
CA MET A 42 -2.33 11.55 -4.48
C MET A 42 -2.04 10.10 -4.11
N ASN A 43 -1.22 9.86 -3.10
CA ASN A 43 -0.86 8.48 -2.82
C ASN A 43 -2.03 7.68 -2.24
N VAL A 44 -3.01 8.33 -1.62
CA VAL A 44 -4.22 7.62 -1.20
C VAL A 44 -5.04 7.21 -2.41
N ALA A 45 -5.23 8.12 -3.35
CA ALA A 45 -5.98 7.84 -4.56
C ALA A 45 -5.29 6.75 -5.38
N LYS A 46 -3.96 6.80 -5.45
CA LYS A 46 -3.23 5.85 -6.29
C LYS A 46 -3.38 4.43 -5.74
N TYR A 47 -3.14 4.26 -4.43
CA TYR A 47 -3.28 2.94 -3.83
C TYR A 47 -4.73 2.46 -3.86
N THR A 48 -5.70 3.37 -3.76
CA THR A 48 -7.10 2.94 -3.84
C THR A 48 -7.39 2.33 -5.21
N GLN A 49 -6.93 2.98 -6.27
CA GLN A 49 -7.18 2.47 -7.60
C GLN A 49 -6.45 1.16 -7.81
N LEU A 50 -5.20 1.08 -7.35
CA LEU A 50 -4.46 -0.18 -7.37
C LEU A 50 -5.26 -1.30 -6.74
N CYS A 51 -5.78 -1.07 -5.52
CA CYS A 51 -6.51 -2.13 -4.83
C CYS A 51 -7.84 -2.43 -5.55
N GLN A 52 -8.49 -1.39 -6.08
CA GLN A 52 -9.68 -1.61 -6.91
C GLN A 52 -9.37 -2.53 -8.08
N TYR A 53 -8.22 -2.34 -8.73
CA TYR A 53 -7.82 -3.24 -9.79
C TYR A 53 -7.53 -4.64 -9.25
N LEU A 54 -6.88 -4.72 -8.09
CA LEU A 54 -6.54 -6.01 -7.53
C LEU A 54 -7.79 -6.81 -7.20
N ASN A 55 -8.91 -6.12 -6.91
CA ASN A 55 -10.12 -6.85 -6.56
C ASN A 55 -10.63 -7.65 -7.76
N THR A 56 -10.19 -7.30 -8.97
CA THR A 56 -10.65 -8.00 -10.17
C THR A 56 -9.82 -9.22 -10.50
N LEU A 57 -8.76 -9.49 -9.76
CA LEU A 57 -7.91 -10.63 -10.03
C LEU A 57 -8.18 -11.74 -9.03
N THR A 58 -7.52 -12.88 -9.23
CA THR A 58 -7.76 -14.08 -8.42
C THR A 58 -6.77 -14.17 -7.27
N LEU A 59 -6.78 -13.15 -6.42
CA LEU A 59 -5.92 -13.17 -5.25
C LEU A 59 -6.36 -14.25 -4.27
N ALA A 60 -5.38 -14.98 -3.73
CA ALA A 60 -5.61 -15.80 -2.56
C ALA A 60 -5.76 -14.90 -1.35
N VAL A 61 -6.83 -15.11 -0.58
CA VAL A 61 -7.10 -14.32 0.62
C VAL A 61 -7.36 -15.28 1.78
N PRO A 62 -6.32 -15.89 2.34
CA PRO A 62 -6.52 -16.82 3.46
C PRO A 62 -6.89 -16.08 4.74
N TYR A 63 -7.34 -16.86 5.72
CA TYR A 63 -7.34 -16.43 7.11
C TYR A 63 -5.90 -16.23 7.56
N ASN A 64 -5.72 -15.29 8.50
N ASN A 64 -5.69 -15.32 8.51
CA ASN A 64 -4.40 -14.90 9.01
CA ASN A 64 -4.35 -15.01 9.00
C ASN A 64 -3.45 -14.58 7.86
C ASN A 64 -3.43 -14.58 7.86
N MET A 65 -3.98 -13.81 6.92
CA MET A 65 -3.21 -13.36 5.76
C MET A 65 -2.06 -12.47 6.18
N ARG A 66 -0.98 -12.54 5.41
CA ARG A 66 0.26 -11.86 5.72
C ARG A 66 0.69 -11.04 4.53
N VAL A 67 0.78 -9.74 4.72
CA VAL A 67 1.08 -8.78 3.67
C VAL A 67 2.25 -7.93 4.11
N ILE A 68 3.19 -7.69 3.19
CA ILE A 68 4.33 -6.83 3.45
C ILE A 68 4.41 -5.77 2.36
N HIS A 69 4.75 -4.55 2.78
CA HIS A 69 4.65 -3.33 1.99
C HIS A 69 5.98 -2.59 2.09
N PHE A 70 6.73 -2.59 1.00
CA PHE A 70 8.01 -1.91 0.96
C PHE A 70 7.88 -0.52 0.35
N GLY A 71 8.73 0.41 0.82
CA GLY A 71 8.68 1.78 0.32
C GLY A 71 7.48 2.54 0.84
N ALA A 72 7.11 2.30 2.10
CA ALA A 72 5.82 2.72 2.63
C ALA A 72 5.84 4.14 3.20
N GLY A 73 7.00 4.75 3.39
CA GLY A 73 7.06 6.09 3.94
C GLY A 73 6.92 7.14 2.87
N SER A 74 6.28 8.27 3.22
CA SER A 74 6.23 9.42 2.34
C SER A 74 7.22 10.49 2.83
N ASP A 75 7.40 11.53 2.01
CA ASP A 75 8.17 12.68 2.49
C ASP A 75 7.45 13.47 3.56
N LYS A 76 6.25 13.05 3.95
CA LYS A 76 5.49 13.74 4.99
C LYS A 76 5.63 13.08 6.36
N GLY A 77 6.26 11.91 6.45
CA GLY A 77 6.43 11.21 7.69
C GLY A 77 5.32 10.23 8.02
N VAL A 78 4.40 9.99 7.09
CA VAL A 78 3.25 9.14 7.30
C VAL A 78 3.23 8.08 6.19
N ALA A 79 2.26 7.18 6.26
CA ALA A 79 2.19 6.03 5.36
C ALA A 79 0.82 5.97 4.72
N PRO A 80 0.54 6.87 3.77
CA PRO A 80 -0.79 6.86 3.14
C PRO A 80 -1.14 5.53 2.51
N GLY A 81 -0.19 4.93 1.79
CA GLY A 81 -0.46 3.66 1.13
C GLY A 81 -0.78 2.55 2.11
N THR A 82 -0.01 2.47 3.21
CA THR A 82 -0.28 1.45 4.21
C THR A 82 -1.71 1.57 4.73
N ALA A 83 -2.20 2.79 4.89
CA ALA A 83 -3.55 2.97 5.40
C ALA A 83 -4.60 2.46 4.42
N VAL A 84 -4.41 2.71 3.12
CA VAL A 84 -5.33 2.15 2.14
C VAL A 84 -5.25 0.62 2.15
N LEU A 85 -4.04 0.07 2.24
CA LEU A 85 -3.88 -1.37 2.26
C LEU A 85 -4.64 -1.99 3.42
N ARG A 86 -4.59 -1.36 4.60
CA ARG A 86 -5.23 -1.92 5.78
C ARG A 86 -6.74 -1.77 5.70
N GLN A 87 -7.22 -0.66 5.14
CA GLN A 87 -8.63 -0.53 4.84
C GLN A 87 -9.11 -1.65 3.91
N TRP A 88 -8.36 -1.87 2.84
CA TRP A 88 -8.73 -2.86 1.82
C TRP A 88 -8.68 -4.28 2.38
N LEU A 89 -7.57 -4.63 3.03
CA LEU A 89 -7.37 -5.97 3.50
C LEU A 89 -8.38 -6.31 4.59
N PRO A 90 -8.74 -7.59 4.70
CA PRO A 90 -9.64 -7.99 5.79
C PRO A 90 -9.07 -7.57 7.14
N THR A 91 -9.97 -7.22 8.04
CA THR A 91 -9.55 -6.88 9.39
C THR A 91 -8.82 -8.06 10.01
N GLY A 92 -7.77 -7.76 10.77
CA GLY A 92 -6.91 -8.78 11.31
C GLY A 92 -5.78 -9.21 10.40
N THR A 93 -5.76 -8.74 9.15
CA THR A 93 -4.67 -9.10 8.27
C THR A 93 -3.36 -8.56 8.84
N LEU A 94 -2.36 -9.42 8.94
CA LEU A 94 -1.03 -9.00 9.40
C LEU A 94 -0.38 -8.13 8.32
N LEU A 95 -0.07 -6.88 8.66
CA LEU A 95 0.52 -5.94 7.71
C LEU A 95 1.83 -5.40 8.28
N VAL A 96 2.92 -5.65 7.55
CA VAL A 96 4.23 -5.12 7.87
C VAL A 96 4.60 -4.13 6.78
N ASP A 97 5.19 -2.99 7.17
CA ASP A 97 5.73 -2.08 6.16
C ASP A 97 7.13 -1.63 6.56
N SER A 98 7.78 -1.01 5.58
CA SER A 98 9.19 -0.69 5.68
C SER A 98 9.50 0.47 4.76
N ASP A 99 10.48 1.26 5.16
CA ASP A 99 11.02 2.28 4.28
C ASP A 99 12.36 2.70 4.85
N LEU A 100 13.10 3.45 4.03
CA LEU A 100 14.46 3.86 4.38
C LEU A 100 14.48 4.80 5.57
N ASN A 101 13.58 5.76 5.57
CA ASN A 101 13.55 6.78 6.60
C ASN A 101 12.41 6.53 7.58
N ASP A 102 12.51 7.15 8.75
N ASP A 102 12.47 7.23 8.70
CA ASP A 102 11.49 6.93 9.77
CA ASP A 102 11.50 7.04 9.76
C ASP A 102 10.16 7.50 9.32
C ASP A 102 10.13 7.56 9.32
N PHE A 103 9.07 6.87 9.75
CA PHE A 103 7.72 7.32 9.45
C PHE A 103 6.74 6.67 10.41
N VAL A 104 5.58 7.32 10.59
N VAL A 104 5.56 7.28 10.51
CA VAL A 104 4.53 6.77 11.44
CA VAL A 104 4.47 6.84 11.37
C VAL A 104 3.55 6.02 10.55
C VAL A 104 3.46 6.06 10.54
N SER A 105 3.09 4.86 11.01
CA SER A 105 2.31 3.96 10.21
C SER A 105 1.21 3.28 11.01
N ASP A 106 0.18 2.84 10.30
CA ASP A 106 -0.89 2.04 10.83
C ASP A 106 -0.59 0.56 10.71
N ALA A 107 0.56 0.18 10.17
CA ALA A 107 0.91 -1.22 10.06
C ALA A 107 1.19 -1.81 11.43
N ASP A 108 1.03 -3.14 11.52
CA ASP A 108 1.25 -3.85 12.76
C ASP A 108 2.70 -3.80 13.20
N SER A 109 3.63 -3.76 12.24
CA SER A 109 5.03 -3.54 12.51
C SER A 109 5.64 -2.77 11.37
N THR A 110 6.58 -1.89 11.70
CA THR A 110 7.30 -1.07 10.73
C THR A 110 8.78 -1.28 10.95
N LEU A 111 9.51 -1.52 9.86
CA LEU A 111 10.96 -1.64 9.89
C LEU A 111 11.57 -0.49 9.12
N ILE A 112 12.49 0.22 9.75
CA ILE A 112 13.15 1.36 9.15
C ILE A 112 14.54 0.92 8.70
N GLY A 113 14.89 1.23 7.45
CA GLY A 113 16.19 0.91 6.91
C GLY A 113 16.16 0.52 5.45
N ASP A 114 17.35 0.36 4.84
CA ASP A 114 17.41 -0.20 3.49
C ASP A 114 16.71 -1.55 3.49
N CYS A 115 15.97 -1.81 2.41
CA CYS A 115 15.19 -3.04 2.31
C CYS A 115 16.06 -4.29 2.40
N ALA A 116 17.35 -4.18 2.04
CA ALA A 116 18.24 -5.32 2.12
C ALA A 116 18.49 -5.75 3.56
N THR A 117 18.28 -4.86 4.53
CA THR A 117 18.42 -5.26 5.93
C THR A 117 17.21 -6.03 6.47
N VAL A 118 16.17 -6.25 5.66
CA VAL A 118 14.93 -6.86 6.14
C VAL A 118 14.97 -8.37 5.95
N HIS A 119 14.65 -9.08 7.03
CA HIS A 119 14.55 -10.53 7.02
C HIS A 119 13.28 -10.95 7.72
N THR A 120 12.70 -12.03 7.24
CA THR A 120 11.53 -12.60 7.90
C THR A 120 11.68 -14.10 7.93
N ALA A 121 11.25 -14.70 9.04
CA ALA A 121 11.26 -16.15 9.16
C ALA A 121 10.28 -16.79 8.19
N ASN A 122 9.13 -16.18 8.02
CA ASN A 122 7.92 -16.70 7.41
C ASN A 122 7.73 -16.18 5.99
N LYS A 123 6.77 -16.80 5.30
CA LYS A 123 6.43 -16.42 3.93
C LYS A 123 5.22 -15.52 3.94
N TRP A 124 4.98 -14.89 2.79
CA TRP A 124 3.98 -13.84 2.67
C TRP A 124 2.99 -14.17 1.56
N ASP A 125 1.76 -13.72 1.74
CA ASP A 125 0.72 -13.94 0.75
C ASP A 125 0.63 -12.81 -0.26
N LEU A 126 1.18 -11.63 0.04
CA LEU A 126 1.04 -10.49 -0.84
C LEU A 126 2.15 -9.49 -0.54
N ILE A 127 2.86 -9.07 -1.58
CA ILE A 127 3.96 -8.13 -1.48
C ILE A 127 3.63 -6.90 -2.31
N ILE A 128 3.67 -5.73 -1.67
CA ILE A 128 3.50 -4.44 -2.30
C ILE A 128 4.80 -3.66 -2.18
N SER A 129 5.22 -3.02 -3.27
CA SER A 129 6.39 -2.14 -3.21
C SER A 129 6.11 -0.84 -3.97
N ASP A 130 6.34 0.29 -3.29
CA ASP A 130 6.36 1.60 -3.92
C ASP A 130 7.77 2.19 -3.81
N MET A 131 8.78 1.34 -3.64
CA MET A 131 10.17 1.77 -3.59
C MET A 131 10.53 2.45 -4.90
N TYR A 132 11.17 3.60 -4.79
CA TYR A 132 11.48 4.41 -5.95
C TYR A 132 12.53 5.44 -5.58
N ASP A 133 13.61 5.47 -6.34
CA ASP A 133 14.62 6.52 -6.23
C ASP A 133 14.44 7.50 -7.36
N PRO A 134 13.99 8.73 -7.10
CA PRO A 134 13.66 9.65 -8.22
C PRO A 134 14.89 10.12 -8.99
N LYS A 135 16.09 9.86 -8.48
CA LYS A 135 17.32 10.18 -9.22
C LYS A 135 17.46 9.34 -10.48
N THR A 136 16.60 8.33 -10.68
CA THR A 136 16.74 7.48 -11.85
C THR A 136 16.21 8.11 -13.13
N LYS A 137 15.30 9.10 -13.04
CA LYS A 137 14.71 9.64 -14.26
C LYS A 137 15.62 10.63 -14.98
N ASN A 138 16.90 10.29 -15.04
CA ASN A 138 17.92 11.14 -15.61
C ASN A 138 17.92 10.83 -17.13
N VAL A 139 17.36 11.76 -17.91
CA VAL A 139 17.00 11.55 -19.32
C VAL A 139 18.17 11.72 -20.25
N THR A 140 19.37 11.94 -19.73
CA THR A 140 20.56 12.14 -20.55
C THR A 140 21.50 10.95 -20.61
N LYS A 141 21.22 9.87 -19.86
CA LYS A 141 22.01 8.64 -19.97
C LYS A 141 21.11 7.49 -20.37
N GLU A 142 21.75 6.43 -20.84
CA GLU A 142 21.03 5.27 -21.33
C GLU A 142 20.20 4.66 -20.22
N ASN A 143 19.14 3.97 -20.61
CA ASN A 143 18.16 3.46 -19.66
C ASN A 143 18.35 1.95 -19.57
N ASP A 144 19.21 1.54 -18.65
CA ASP A 144 19.59 0.14 -18.46
C ASP A 144 18.80 -0.43 -17.28
N SER A 145 18.64 -1.76 -17.30
CA SER A 145 18.04 -2.45 -16.17
C SER A 145 18.73 -2.01 -14.88
N LYS A 146 17.93 -1.69 -13.87
CA LYS A 146 18.44 -1.19 -12.60
C LYS A 146 18.53 -2.35 -11.60
N GLU A 147 19.48 -2.25 -10.69
CA GLU A 147 19.63 -3.29 -9.68
C GLU A 147 19.11 -2.74 -8.35
N GLY A 148 20.01 -2.50 -7.40
CA GLY A 148 19.60 -1.85 -6.17
C GLY A 148 18.51 -2.63 -5.46
N PHE A 149 17.43 -1.93 -5.07
CA PHE A 149 16.33 -2.59 -4.33
C PHE A 149 15.62 -3.63 -5.19
N PHE A 150 15.78 -3.57 -6.51
CA PHE A 150 15.15 -4.56 -7.37
C PHE A 150 15.79 -5.93 -7.21
N THR A 151 17.10 -5.97 -6.99
CA THR A 151 17.75 -7.25 -6.75
C THR A 151 17.22 -7.88 -5.47
N TYR A 152 17.09 -7.07 -4.41
CA TYR A 152 16.46 -7.54 -3.18
C TYR A 152 15.08 -8.11 -3.45
N ILE A 153 14.28 -7.40 -4.24
CA ILE A 153 12.88 -7.76 -4.39
C ILE A 153 12.73 -9.06 -5.16
N CYS A 154 13.55 -9.27 -6.19
CA CYS A 154 13.50 -10.55 -6.90
C CYS A 154 13.90 -11.70 -5.97
N GLY A 155 14.91 -11.49 -5.12
CA GLY A 155 15.25 -12.50 -4.15
C GLY A 155 14.16 -12.75 -3.14
N PHE A 156 13.55 -11.68 -2.63
CA PHE A 156 12.51 -11.82 -1.62
C PHE A 156 11.30 -12.55 -2.17
N ILE A 157 11.01 -12.38 -3.47
CA ILE A 157 9.87 -13.07 -4.07
C ILE A 157 10.15 -14.55 -4.15
N GLN A 158 11.32 -14.93 -4.65
CA GLN A 158 11.64 -16.34 -4.82
C GLN A 158 11.73 -17.05 -3.48
N GLN A 159 12.25 -16.37 -2.47
CA GLN A 159 12.50 -16.99 -1.18
C GLN A 159 11.33 -16.89 -0.22
N LYS A 160 10.54 -15.81 -0.26
CA LYS A 160 9.59 -15.58 0.81
C LYS A 160 8.15 -15.33 0.37
N LEU A 161 7.82 -15.45 -0.92
CA LEU A 161 6.45 -15.39 -1.36
C LEU A 161 5.86 -16.79 -1.34
N ALA A 162 4.75 -16.96 -0.62
CA ALA A 162 4.04 -18.23 -0.63
C ALA A 162 3.59 -18.56 -2.04
N LEU A 163 3.60 -19.85 -2.36
CA LEU A 163 2.94 -20.29 -3.57
C LEU A 163 1.48 -19.85 -3.54
N GLY A 164 0.98 -19.39 -4.68
CA GLY A 164 -0.34 -18.82 -4.74
C GLY A 164 -0.41 -17.34 -4.40
N GLY A 165 0.66 -16.77 -3.86
CA GLY A 165 0.64 -15.38 -3.48
C GLY A 165 0.82 -14.46 -4.68
N SER A 166 0.64 -13.17 -4.43
CA SER A 166 0.62 -12.17 -5.49
C SER A 166 1.51 -11.00 -5.12
N VAL A 167 1.96 -10.25 -6.14
CA VAL A 167 2.83 -9.10 -5.93
C VAL A 167 2.36 -7.93 -6.78
N ALA A 168 2.71 -6.72 -6.31
CA ALA A 168 2.57 -5.49 -7.11
C ALA A 168 3.75 -4.58 -6.79
N ILE A 169 4.53 -4.23 -7.81
CA ILE A 169 5.83 -3.58 -7.65
C ILE A 169 5.85 -2.36 -8.55
N LYS A 170 5.99 -1.18 -7.94
CA LYS A 170 6.04 0.04 -8.75
C LYS A 170 7.28 0.06 -9.62
N ILE A 171 7.08 0.43 -10.89
CA ILE A 171 8.17 0.70 -11.81
C ILE A 171 7.89 2.02 -12.51
N THR A 172 8.90 2.52 -13.24
CA THR A 172 8.70 3.67 -14.11
C THR A 172 9.46 3.39 -15.39
N GLU A 173 9.50 4.38 -16.29
CA GLU A 173 10.34 4.27 -17.47
C GLU A 173 11.77 3.92 -17.07
N HIS A 174 12.31 4.59 -16.04
CA HIS A 174 13.70 4.40 -15.66
C HIS A 174 13.87 3.51 -14.44
N SER A 175 12.85 3.34 -13.60
CA SER A 175 12.95 2.47 -12.43
C SER A 175 12.34 1.11 -12.79
N TRP A 176 13.18 0.21 -13.26
CA TRP A 176 12.73 -1.11 -13.69
C TRP A 176 13.91 -2.06 -13.64
N ASN A 177 13.60 -3.36 -13.76
CA ASN A 177 14.59 -4.42 -13.63
C ASN A 177 14.14 -5.58 -14.50
N ALA A 178 15.08 -6.15 -15.27
CA ALA A 178 14.71 -7.15 -16.26
C ALA A 178 14.37 -8.49 -15.61
N ASP A 179 15.04 -8.85 -14.52
CA ASP A 179 14.73 -10.11 -13.86
C ASP A 179 13.35 -10.08 -13.22
N LEU A 180 12.90 -8.91 -12.77
CA LEU A 180 11.57 -8.81 -12.21
C LEU A 180 10.52 -9.14 -13.27
N TYR A 181 10.68 -8.56 -14.46
CA TYR A 181 9.80 -8.93 -15.57
C TYR A 181 9.87 -10.42 -15.84
N LYS A 182 11.10 -10.96 -15.93
CA LYS A 182 11.27 -12.38 -16.13
C LYS A 182 10.52 -13.17 -15.06
N LEU A 183 10.56 -12.69 -13.82
N LEU A 183 10.59 -12.71 -13.81
CA LEU A 183 9.91 -13.35 -12.70
CA LEU A 183 9.90 -13.40 -12.74
C LEU A 183 8.39 -13.29 -12.79
C LEU A 183 8.39 -13.43 -12.96
N MET A 184 7.83 -12.39 -13.61
CA MET A 184 6.39 -12.34 -13.81
C MET A 184 5.94 -13.60 -14.53
N GLY A 185 6.81 -14.19 -15.36
CA GLY A 185 6.53 -15.46 -15.98
C GLY A 185 6.51 -16.63 -15.04
N HIS A 186 6.81 -16.41 -13.76
CA HIS A 186 6.69 -17.44 -12.74
C HIS A 186 5.35 -17.37 -12.02
N PHE A 187 4.41 -16.60 -12.53
CA PHE A 187 3.07 -16.49 -11.97
C PHE A 187 2.08 -17.02 -12.99
N ALA A 188 0.87 -17.33 -12.51
CA ALA A 188 -0.18 -17.79 -13.39
C ALA A 188 -0.66 -16.70 -14.35
N TRP A 189 -0.44 -15.44 -14.01
CA TRP A 189 -0.82 -14.32 -14.85
C TRP A 189 -0.04 -13.12 -14.35
N TRP A 190 0.06 -12.10 -15.19
CA TRP A 190 0.80 -10.90 -14.84
C TRP A 190 0.32 -9.76 -15.73
N THR A 191 0.58 -8.54 -15.27
CA THR A 191 0.36 -7.38 -16.11
C THR A 191 1.13 -6.19 -15.55
N ALA A 192 1.12 -5.10 -16.30
CA ALA A 192 1.54 -3.78 -15.84
C ALA A 192 0.29 -2.93 -15.77
N PHE A 193 0.02 -2.36 -14.59
CA PHE A 193 -1.22 -1.61 -14.36
C PHE A 193 -0.94 -0.16 -14.07
N VAL A 194 -1.63 0.73 -14.79
CA VAL A 194 -1.45 2.17 -14.68
C VAL A 194 -2.70 2.72 -14.00
N THR A 195 -2.53 3.42 -12.88
CA THR A 195 -3.70 4.01 -12.24
C THR A 195 -4.16 5.21 -13.05
N ASN A 196 -5.48 5.37 -13.14
CA ASN A 196 -6.04 6.51 -13.90
C ASN A 196 -5.69 7.83 -13.26
N VAL A 197 -5.51 7.87 -11.93
CA VAL A 197 -5.14 9.15 -11.34
C VAL A 197 -3.74 9.57 -11.73
N ASN A 198 -2.86 8.64 -12.11
CA ASN A 198 -1.48 8.96 -12.42
C ASN A 198 -1.12 8.60 -13.87
N ALA A 199 -2.13 8.61 -14.76
CA ALA A 199 -1.95 8.18 -16.14
C ALA A 199 -0.95 9.04 -16.89
N SER A 200 -0.64 10.23 -16.39
CA SER A 200 0.32 11.14 -16.98
C SER A 200 1.77 10.79 -16.64
N SER A 201 1.98 9.70 -15.92
CA SER A 201 3.29 9.29 -15.46
C SER A 201 3.60 7.94 -16.08
N SER A 202 4.88 7.72 -16.38
CA SER A 202 5.29 6.42 -16.88
C SER A 202 5.24 5.34 -15.80
N GLU A 203 4.91 5.71 -14.58
CA GLU A 203 4.69 4.74 -13.51
C GLU A 203 3.69 3.68 -13.94
N ALA A 204 3.96 2.44 -13.52
CA ALA A 204 2.98 1.37 -13.50
C ALA A 204 3.35 0.42 -12.36
N PHE A 205 2.42 -0.47 -12.04
CA PHE A 205 2.64 -1.53 -11.05
C PHE A 205 2.74 -2.86 -11.79
N LEU A 206 3.89 -3.51 -11.67
CA LEU A 206 4.05 -4.87 -12.19
C LEU A 206 3.36 -5.84 -11.25
N ILE A 207 2.30 -6.50 -11.73
CA ILE A 207 1.48 -7.37 -10.90
C ILE A 207 1.71 -8.81 -11.35
N GLY A 208 2.11 -9.66 -10.42
CA GLY A 208 2.16 -11.09 -10.64
C GLY A 208 1.06 -11.72 -9.82
N CYS A 209 0.18 -12.48 -10.48
CA CYS A 209 -1.02 -13.01 -9.86
C CYS A 209 -0.88 -14.52 -9.70
N ASN A 210 -0.78 -14.96 -8.45
CA ASN A 210 -0.67 -16.37 -8.06
C ASN A 210 0.67 -16.98 -8.45
N TYR A 211 1.60 -16.99 -7.49
CA TYR A 211 2.97 -17.42 -7.72
C TYR A 211 3.04 -18.94 -7.82
N LEU A 212 3.79 -19.43 -8.80
CA LEU A 212 3.92 -20.85 -9.06
C LEU A 212 5.30 -21.40 -8.77
N GLY A 213 6.26 -20.54 -8.43
CA GLY A 213 7.58 -20.98 -8.02
C GLY A 213 8.51 -21.43 -9.12
N LYS A 214 8.03 -21.45 -10.36
CA LYS A 214 8.80 -21.98 -11.49
C LYS A 214 8.37 -21.21 -12.71
N PRO A 215 9.21 -21.14 -13.75
CA PRO A 215 8.81 -20.43 -14.96
C PRO A 215 7.65 -21.16 -15.63
N ARG A 216 6.53 -20.46 -15.79
CA ARG A 216 5.42 -20.93 -16.59
C ARG A 216 5.60 -20.52 -18.05
N GLU A 217 6.17 -19.33 -18.26
CA GLU A 217 6.53 -18.82 -19.58
C GLU A 217 7.84 -18.07 -19.39
N GLN A 218 8.65 -18.01 -20.45
CA GLN A 218 9.97 -17.41 -20.39
C GLN A 218 9.88 -15.99 -20.93
N ILE A 219 10.30 -15.02 -20.13
CA ILE A 219 10.17 -13.61 -20.47
C ILE A 219 11.55 -12.98 -20.51
N ASP A 220 11.88 -12.36 -21.63
CA ASP A 220 13.04 -11.49 -21.75
C ASP A 220 12.61 -10.12 -21.23
N GLY A 221 13.16 -9.72 -20.08
CA GLY A 221 12.71 -8.52 -19.40
C GLY A 221 13.15 -7.23 -20.04
N TYR A 222 14.25 -7.25 -20.81
CA TYR A 222 14.60 -6.07 -21.59
C TYR A 222 13.55 -5.80 -22.66
N VAL A 223 13.14 -6.86 -23.36
CA VAL A 223 12.12 -6.75 -24.39
C VAL A 223 10.78 -6.36 -23.79
N MET A 224 10.41 -6.95 -22.64
CA MET A 224 9.10 -6.68 -22.07
C MET A 224 9.00 -5.24 -21.61
N HIS A 225 10.05 -4.71 -20.99
CA HIS A 225 9.99 -3.31 -20.59
C HIS A 225 9.83 -2.41 -21.82
N ALA A 226 10.53 -2.75 -22.91
CA ALA A 226 10.37 -2.02 -24.16
C ALA A 226 8.95 -2.15 -24.69
N ASN A 227 8.37 -3.36 -24.58
CA ASN A 227 6.97 -3.53 -24.92
C ASN A 227 6.10 -2.63 -24.07
N TYR A 228 6.40 -2.54 -22.77
CA TYR A 228 5.58 -1.75 -21.87
C TYR A 228 5.66 -0.27 -22.24
N ILE A 229 6.86 0.23 -22.54
CA ILE A 229 7.02 1.62 -22.95
C ILE A 229 6.32 1.87 -24.29
N PHE A 230 6.46 0.94 -25.22
CA PHE A 230 5.77 1.07 -26.50
C PHE A 230 4.28 1.24 -26.29
N TRP A 231 3.71 0.43 -25.40
CA TRP A 231 2.28 0.55 -25.10
C TRP A 231 1.97 1.93 -24.55
N ARG A 232 2.69 2.35 -23.50
CA ARG A 232 2.45 3.68 -22.93
C ARG A 232 2.62 4.76 -23.99
N ASN A 233 3.64 4.62 -24.84
CA ASN A 233 3.93 5.65 -25.83
C ASN A 233 2.82 5.78 -26.85
N THR A 234 2.13 4.68 -27.17
CA THR A 234 1.13 4.73 -28.22
C THR A 234 -0.31 4.67 -27.71
N ASN A 235 -0.52 4.70 -26.40
CA ASN A 235 -1.87 4.59 -25.83
C ASN A 235 -2.04 5.63 -24.74
N PRO A 236 -2.40 6.85 -25.12
CA PRO A 236 -2.71 7.87 -24.11
C PRO A 236 -3.83 7.37 -23.22
N ILE A 237 -3.67 7.59 -21.91
CA ILE A 237 -4.66 7.23 -20.92
C ILE A 237 -5.18 8.52 -20.33
N GLN A 238 -6.50 8.71 -20.42
CA GLN A 238 -7.15 9.91 -19.91
C GLN A 238 -7.12 9.89 -18.39
N LEU A 239 -6.47 10.89 -17.79
CA LEU A 239 -6.50 11.08 -16.35
C LEU A 239 -7.92 10.98 -15.83
N SER A 240 -8.12 10.21 -14.76
CA SER A 240 -9.45 10.14 -14.19
C SER A 240 -9.43 9.81 -12.71
N SER A 241 -10.33 10.46 -11.98
N SER A 241 -10.31 10.48 -11.98
CA SER A 241 -10.55 10.18 -10.57
CA SER A 241 -10.56 10.18 -10.58
C SER A 241 -11.87 9.45 -10.33
C SER A 241 -11.96 9.65 -10.34
N TYR A 242 -12.61 9.14 -11.39
CA TYR A 242 -14.01 8.74 -11.26
C TYR A 242 -14.17 7.56 -10.29
N SER A 243 -13.30 6.56 -10.35
CA SER A 243 -13.51 5.35 -9.56
C SER A 243 -13.37 5.62 -8.06
N LEU A 244 -12.77 6.75 -7.67
CA LEU A 244 -12.58 7.04 -6.25
C LEU A 244 -13.91 7.32 -5.55
N PHE A 245 -14.92 7.76 -6.29
CA PHE A 245 -16.21 8.12 -5.75
C PHE A 245 -17.11 6.91 -5.51
N ASP A 246 -16.71 5.71 -5.94
CA ASP A 246 -17.49 4.50 -5.65
C ASP A 246 -16.65 3.48 -4.87
N MET A 247 -16.88 3.40 -3.57
CA MET A 247 -16.10 2.55 -2.69
C MET A 247 -16.92 1.44 -2.08
N SER A 248 -18.15 1.23 -2.55
CA SER A 248 -19.05 0.26 -1.93
C SER A 248 -18.51 -1.16 -1.99
N LYS A 249 -17.80 -1.53 -3.06
CA LYS A 249 -17.27 -2.86 -3.22
C LYS A 249 -15.76 -2.90 -3.03
N PHE A 250 -15.24 -1.94 -2.29
CA PHE A 250 -13.78 -1.82 -2.15
C PHE A 250 -13.16 -2.95 -1.35
N PRO A 251 -13.67 -3.33 -0.18
CA PRO A 251 -12.94 -4.29 0.65
C PRO A 251 -12.69 -5.61 -0.05
N LEU A 252 -11.48 -6.13 0.15
CA LEU A 252 -11.07 -7.41 -0.40
C LEU A 252 -11.92 -8.51 0.23
N LYS A 253 -12.64 -9.26 -0.60
N LYS A 253 -12.61 -9.27 -0.61
CA LYS A 253 -13.51 -10.32 -0.09
CA LYS A 253 -13.44 -10.36 -0.15
C LYS A 253 -12.64 -11.38 0.59
C LYS A 253 -12.59 -11.39 0.60
N LEU A 254 -12.91 -11.62 1.87
CA LEU A 254 -12.18 -12.66 2.62
C LEU A 254 -12.70 -13.99 2.07
N ARG A 255 -11.86 -14.68 1.30
CA ARG A 255 -12.21 -15.93 0.66
C ARG A 255 -11.87 -17.15 1.50
N GLY A 256 -11.23 -16.95 2.65
CA GLY A 256 -10.81 -18.05 3.50
C GLY A 256 -9.99 -19.06 2.74
N THR A 257 -9.28 -18.59 1.71
CA THR A 257 -8.44 -19.45 0.89
C THR A 257 -7.63 -20.40 1.76
N ALA A 258 -7.45 -21.61 1.27
CA ALA A 258 -6.81 -22.65 2.07
C ALA A 258 -5.29 -22.49 2.06
N VAL A 259 -4.68 -22.87 3.19
CA VAL A 259 -3.24 -22.92 3.37
C VAL A 259 -2.86 -24.36 3.62
N MET A 260 -1.79 -24.81 2.96
CA MET A 260 -1.21 -26.12 3.21
C MET A 260 0.30 -25.99 3.24
N SER A 261 0.94 -26.51 4.27
CA SER A 261 2.37 -26.76 4.16
C SER A 261 2.56 -27.95 3.23
N LEU A 262 3.50 -27.83 2.31
CA LEU A 262 3.75 -28.86 1.30
C LEU A 262 5.20 -28.83 0.87
N LYS A 263 5.72 -29.99 0.46
N LYS A 263 5.73 -29.99 0.50
CA LYS A 263 7.09 -30.14 0.00
CA LYS A 263 7.09 -30.09 -0.01
C LYS A 263 7.14 -30.15 -1.53
C LYS A 263 7.10 -29.94 -1.53
N GLU A 264 8.29 -29.77 -2.09
CA GLU A 264 8.39 -29.62 -3.54
C GLU A 264 7.98 -30.89 -4.27
N GLY A 265 8.14 -32.06 -3.66
CA GLY A 265 7.71 -33.29 -4.30
C GLY A 265 6.23 -33.39 -4.52
N GLN A 266 5.44 -32.68 -3.72
CA GLN A 266 4.00 -32.84 -3.69
C GLN A 266 3.26 -31.83 -4.57
N ILE A 267 3.97 -30.92 -5.22
CA ILE A 267 3.34 -29.93 -6.09
C ILE A 267 3.14 -30.57 -7.46
N ASN A 268 1.93 -31.03 -7.72
CA ASN A 268 1.59 -31.68 -8.98
C ASN A 268 0.82 -30.75 -9.89
N ASP A 269 0.01 -31.30 -10.79
CA ASP A 269 -0.79 -30.47 -11.68
C ASP A 269 -2.11 -30.03 -11.03
N MET A 270 -2.74 -30.90 -10.23
CA MET A 270 -3.92 -30.46 -9.48
C MET A 270 -3.55 -29.27 -8.60
N ILE A 271 -2.52 -29.42 -7.78
CA ILE A 271 -2.06 -28.33 -6.92
C ILE A 271 -1.80 -27.08 -7.75
N LEU A 272 -0.98 -27.22 -8.80
CA LEU A 272 -0.64 -26.07 -9.65
C LEU A 272 -1.88 -25.45 -10.26
N SER A 273 -2.84 -26.29 -10.68
CA SER A 273 -4.14 -25.79 -11.14
C SER A 273 -4.78 -24.90 -10.07
N LEU A 274 -4.84 -25.41 -8.84
CA LEU A 274 -5.48 -24.69 -7.74
C LEU A 274 -4.75 -23.41 -7.41
N LEU A 275 -3.42 -23.48 -7.34
CA LEU A 275 -2.62 -22.27 -7.17
C LEU A 275 -3.01 -21.24 -8.23
N SER A 276 -3.14 -21.68 -9.49
CA SER A 276 -3.37 -20.77 -10.59
C SER A 276 -4.73 -20.09 -10.51
N LYS A 277 -5.66 -20.63 -9.74
CA LYS A 277 -7.03 -20.15 -9.68
C LYS A 277 -7.29 -19.27 -8.47
N GLY A 278 -6.28 -18.96 -7.66
CA GLY A 278 -6.50 -18.22 -6.45
C GLY A 278 -7.16 -19.03 -5.35
N ARG A 279 -7.02 -20.35 -5.39
CA ARG A 279 -7.74 -21.24 -4.52
C ARG A 279 -6.83 -21.89 -3.49
N LEU A 280 -5.52 -21.59 -3.52
CA LEU A 280 -4.59 -22.28 -2.65
C LEU A 280 -3.33 -21.47 -2.37
N ILE A 281 -2.96 -21.44 -1.09
CA ILE A 281 -1.70 -20.88 -0.62
C ILE A 281 -0.87 -22.02 -0.02
N ILE A 282 0.41 -22.07 -0.38
CA ILE A 282 1.31 -23.07 0.20
C ILE A 282 2.44 -22.36 0.95
N ARG A 283 2.49 -22.59 2.26
CA ARG A 283 3.49 -22.02 3.17
C ARG A 283 3.23 -22.62 4.55
N GLU A 284 4.20 -22.46 5.45
CA GLU A 284 3.95 -22.68 6.87
C GLU A 284 2.92 -21.69 7.37
N ASN A 285 2.18 -22.08 8.40
CA ASN A 285 1.26 -21.14 9.06
C ASN A 285 1.74 -20.82 10.46
N ASN A 286 3.04 -20.69 10.63
CA ASN A 286 3.61 -20.43 11.94
C ASN A 286 3.35 -18.98 12.34
N ARG A 287 4.03 -18.52 13.38
CA ARG A 287 3.97 -17.12 13.76
C ARG A 287 4.89 -16.29 12.88
N VAL A 288 4.65 -14.98 12.88
CA VAL A 288 5.29 -14.07 11.93
C VAL A 288 6.34 -13.30 12.70
N VAL A 289 7.59 -13.45 12.28
CA VAL A 289 8.74 -12.88 12.96
C VAL A 289 9.61 -12.19 11.92
N ILE A 290 10.00 -10.95 12.19
CA ILE A 290 10.73 -10.13 11.23
C ILE A 290 11.89 -9.50 11.97
N SER A 291 12.87 -9.05 11.21
CA SER A 291 13.99 -8.37 11.84
C SER A 291 14.64 -7.43 10.84
N SER A 292 15.31 -6.43 11.39
CA SER A 292 16.05 -5.43 10.61
C SER A 292 17.51 -5.50 11.05
N ASP A 293 18.40 -5.82 10.11
CA ASP A 293 19.81 -5.90 10.45
C ASP A 293 20.37 -4.50 10.73
N VAL A 294 21.17 -4.41 11.79
CA VAL A 294 21.71 -3.13 12.26
C VAL A 294 23.22 -3.17 12.20
N LEU A 295 23.80 -2.16 11.56
CA LEU A 295 25.24 -2.03 11.45
C LEU A 295 25.77 -1.24 12.64
N VAL A 296 26.71 -1.83 13.38
CA VAL A 296 27.21 -1.25 14.62
C VAL A 296 28.56 -0.59 14.34
N ASN A 297 28.68 0.67 14.75
CA ASN A 297 29.91 1.43 14.65
C ASN A 297 30.10 2.29 15.88
N ASN A 298 31.37 2.43 16.31
CA ASN A 298 31.76 3.37 17.37
C ASN A 298 32.66 4.42 16.72
N GLU A 299 32.18 5.66 16.64
CA GLU A 299 32.87 6.74 15.96
C GLU A 299 33.74 7.57 16.90
N ASN A 300 34.04 7.05 18.07
CA ASN A 300 34.84 7.81 19.03
C ASN A 300 36.34 7.59 18.81
N LEU A 301 37.12 8.65 19.13
CA LEU A 301 38.50 8.87 18.67
C LEU A 301 38.65 8.38 17.22
N ALA B 19 8.71 14.41 39.68
CA ALA B 19 9.45 14.06 38.46
C ALA B 19 8.94 14.87 37.27
N PHE B 20 9.65 14.79 36.15
CA PHE B 20 9.41 15.68 35.00
C PHE B 20 9.02 14.86 33.77
N ALA B 21 7.79 15.07 33.31
CA ALA B 21 7.33 14.59 32.02
C ALA B 21 6.90 15.79 31.19
N VAL B 22 7.33 15.83 29.93
CA VAL B 22 6.82 16.84 29.01
C VAL B 22 5.31 16.69 28.85
N ASP B 23 4.59 17.81 28.76
CA ASP B 23 3.16 17.79 28.45
C ASP B 23 2.93 18.23 27.02
N ALA B 24 2.75 17.26 26.12
CA ALA B 24 2.56 17.55 24.70
C ALA B 24 1.12 17.95 24.40
N ALA B 25 0.14 17.25 24.99
CA ALA B 25 -1.24 17.68 24.88
C ALA B 25 -1.36 19.17 25.16
N LYS B 26 -0.87 19.62 26.31
CA LYS B 26 -0.98 21.04 26.65
C LYS B 26 -0.22 21.91 25.66
N ALA B 27 0.97 21.45 25.23
CA ALA B 27 1.77 22.24 24.30
C ALA B 27 1.01 22.48 23.00
N TYR B 28 0.34 21.45 22.47
CA TYR B 28 -0.41 21.63 21.23
C TYR B 28 -1.62 22.52 21.45
N LYS B 29 -2.32 22.35 22.59
CA LYS B 29 -3.49 23.18 22.87
C LYS B 29 -3.10 24.65 22.96
N ASP B 30 -2.03 24.97 23.71
CA ASP B 30 -1.60 26.36 23.78
C ASP B 30 -1.10 26.85 22.41
N TYR B 31 -0.36 26.00 21.67
CA TYR B 31 0.05 26.35 20.31
C TYR B 31 -1.15 26.70 19.44
N LEU B 32 -2.23 25.92 19.55
CA LEU B 32 -3.42 26.23 18.76
C LEU B 32 -4.04 27.55 19.20
N ALA B 33 -4.27 27.71 20.52
CA ALA B 33 -4.85 28.95 21.05
C ALA B 33 -4.05 30.16 20.60
N SER B 34 -2.72 30.07 20.66
CA SER B 34 -1.86 31.16 20.20
C SER B 34 -1.92 31.37 18.69
N GLY B 35 -2.68 30.57 17.96
CA GLY B 35 -2.86 30.80 16.54
C GLY B 35 -1.97 30.00 15.63
N GLY B 36 -1.36 28.93 16.11
CA GLY B 36 -0.49 28.15 15.24
C GLY B 36 -1.28 27.25 14.32
N GLN B 37 -0.69 26.95 13.16
CA GLN B 37 -1.44 26.16 12.17
C GLN B 37 -1.47 24.69 12.59
N PRO B 38 -2.63 24.04 12.48
CA PRO B 38 -2.74 22.66 12.98
C PRO B 38 -1.83 21.72 12.24
N ILE B 39 -1.52 20.60 12.89
CA ILE B 39 -0.75 19.53 12.27
C ILE B 39 -1.45 19.10 11.00
N THR B 40 -0.67 18.87 9.96
CA THR B 40 -1.14 18.58 8.61
C THR B 40 -0.71 17.18 8.23
N ASN B 41 -1.13 16.78 7.04
CA ASN B 41 -0.79 15.50 6.44
C ASN B 41 -1.38 14.33 7.21
N CYS B 42 -2.38 14.57 8.04
CA CYS B 42 -3.27 13.48 8.41
C CYS B 42 -3.90 12.86 7.17
N VAL B 43 -3.86 11.52 7.14
CA VAL B 43 -4.15 10.72 5.96
C VAL B 43 -5.65 10.51 5.90
N LYS B 44 -6.32 11.21 5.00
CA LYS B 44 -7.76 11.07 4.83
C LYS B 44 -8.06 9.97 3.83
N MET B 45 -9.05 9.15 4.15
CA MET B 45 -9.37 7.99 3.35
C MET B 45 -10.55 8.27 2.43
N LEU B 46 -10.59 7.53 1.32
CA LEU B 46 -11.80 7.43 0.53
C LEU B 46 -12.70 6.37 1.12
N CYS B 47 -13.98 6.65 1.15
CA CYS B 47 -14.97 5.79 1.76
C CYS B 47 -16.33 6.24 1.28
N THR B 48 -17.35 5.46 1.65
CA THR B 48 -18.70 5.73 1.16
C THR B 48 -19.35 6.90 1.89
N HIS B 49 -18.92 7.19 3.12
CA HIS B 49 -19.61 8.14 3.99
C HIS B 49 -21.04 7.69 4.25
N THR B 50 -21.21 6.36 4.37
CA THR B 50 -22.47 5.77 4.81
C THR B 50 -22.22 4.77 5.92
N GLY B 51 -21.19 5.03 6.74
CA GLY B 51 -20.85 4.18 7.85
C GLY B 51 -21.49 4.60 9.15
N THR B 52 -21.10 3.94 10.23
CA THR B 52 -21.78 4.00 11.50
C THR B 52 -21.57 5.33 12.24
N GLY B 53 -20.60 6.14 11.84
CA GLY B 53 -20.35 7.37 12.54
C GLY B 53 -19.60 7.22 13.84
N GLN B 54 -19.21 6.00 14.21
CA GLN B 54 -18.49 5.79 15.45
C GLN B 54 -17.10 6.41 15.40
N ALA B 55 -16.57 6.75 16.58
CA ALA B 55 -15.38 7.58 16.67
C ALA B 55 -14.15 6.87 16.10
N ILE B 56 -13.87 5.65 16.56
CA ILE B 56 -12.62 4.97 16.26
C ILE B 56 -12.96 3.54 15.87
N THR B 57 -12.57 3.14 14.66
CA THR B 57 -13.07 1.90 14.08
C THR B 57 -11.95 1.20 13.32
N VAL B 58 -12.18 -0.08 13.05
CA VAL B 58 -11.14 -0.89 12.42
C VAL B 58 -11.09 -0.67 10.91
N THR B 59 -12.09 -0.04 10.34
CA THR B 59 -12.19 0.30 8.93
C THR B 59 -12.93 1.63 8.88
N PRO B 60 -12.74 2.42 7.82
CA PRO B 60 -13.40 3.72 7.74
C PRO B 60 -14.92 3.60 7.89
N GLU B 61 -15.48 4.43 8.76
CA GLU B 61 -16.90 4.37 9.08
C GLU B 61 -17.54 5.74 9.01
N ALA B 62 -16.91 6.70 8.33
CA ALA B 62 -17.45 8.05 8.26
C ALA B 62 -18.88 7.99 7.74
N ASN B 63 -19.71 8.88 8.27
CA ASN B 63 -21.04 9.12 7.76
C ASN B 63 -21.03 10.37 6.88
N MET B 64 -22.23 10.88 6.59
CA MET B 64 -22.35 12.02 5.70
C MET B 64 -21.64 13.24 6.24
N ASP B 65 -21.47 13.33 7.56
CA ASP B 65 -20.95 14.54 8.19
C ASP B 65 -19.57 14.32 8.78
N GLN B 66 -18.86 13.29 8.33
CA GLN B 66 -17.55 12.97 8.86
C GLN B 66 -16.60 12.67 7.71
N GLU B 67 -15.31 12.86 7.99
CA GLU B 67 -14.24 12.32 7.19
C GLU B 67 -13.56 11.21 7.99
N SER B 68 -13.04 10.23 7.28
CA SER B 68 -12.28 9.15 7.91
C SER B 68 -10.79 9.38 7.67
N PHE B 69 -10.00 9.18 8.72
CA PHE B 69 -8.55 9.32 8.63
C PHE B 69 -7.87 8.08 9.20
N GLY B 70 -6.69 7.78 8.68
CA GLY B 70 -5.84 6.76 9.29
C GLY B 70 -5.44 7.20 10.69
N GLY B 71 -5.55 6.29 11.66
CA GLY B 71 -5.44 6.70 13.05
C GLY B 71 -4.08 7.25 13.41
N ALA B 72 -3.02 6.52 13.06
CA ALA B 72 -1.68 6.93 13.44
C ALA B 72 -1.40 8.38 13.02
N SER B 73 -1.85 8.77 11.83
CA SER B 73 -1.54 10.11 11.36
C SER B 73 -2.32 11.19 12.10
N CYS B 74 -3.29 10.83 12.94
CA CYS B 74 -4.06 11.79 13.72
C CYS B 74 -3.73 11.73 15.20
N CYS B 75 -2.72 10.95 15.58
CA CYS B 75 -2.32 10.80 16.96
C CYS B 75 -1.13 11.73 17.25
N LEU B 76 -1.31 12.62 18.22
CA LEU B 76 -0.27 13.57 18.59
C LEU B 76 1.02 12.87 18.99
N TYR B 77 0.92 11.83 19.79
CA TYR B 77 2.10 11.13 20.26
C TYR B 77 2.79 10.41 19.10
N CYS B 78 2.02 9.71 18.27
CA CYS B 78 2.60 9.10 17.06
C CYS B 78 3.32 10.13 16.21
N ARG B 79 2.66 11.26 15.93
CA ARG B 79 3.19 12.22 14.96
C ARG B 79 4.39 12.99 15.49
N CYS B 80 4.58 13.04 16.81
CA CYS B 80 5.64 13.82 17.42
C CYS B 80 6.76 12.95 17.96
N HIS B 81 6.68 11.64 17.74
CA HIS B 81 7.70 10.70 18.17
C HIS B 81 7.92 10.78 19.68
N ILE B 82 6.84 10.87 20.43
CA ILE B 82 6.94 10.89 21.88
C ILE B 82 6.12 9.73 22.43
N ASP B 83 6.40 9.41 23.70
CA ASP B 83 5.81 8.25 24.32
C ASP B 83 4.31 8.46 24.51
N HIS B 84 3.58 7.37 24.46
CA HIS B 84 2.14 7.53 24.66
C HIS B 84 1.82 7.61 26.15
N PRO B 85 0.81 8.40 26.54
CA PRO B 85 0.49 8.52 27.97
C PRO B 85 -0.14 7.27 28.58
N ASN B 86 -0.60 6.32 27.78
CA ASN B 86 -0.93 5.01 28.34
C ASN B 86 0.28 4.55 29.14
N PRO B 87 0.08 3.94 30.32
CA PRO B 87 1.25 3.39 31.03
C PRO B 87 2.05 2.41 30.19
N LYS B 88 1.38 1.56 29.41
CA LYS B 88 2.04 0.57 28.58
C LYS B 88 2.42 1.14 27.21
N GLY B 89 2.20 2.42 26.98
CA GLY B 89 2.55 3.07 25.73
C GLY B 89 1.64 2.75 24.56
N PHE B 90 0.60 1.96 24.75
CA PHE B 90 -0.28 1.55 23.67
C PHE B 90 -0.98 2.77 23.07
N CYS B 91 -1.32 2.68 21.79
CA CYS B 91 -1.95 3.78 21.09
C CYS B 91 -3.38 3.46 20.72
N ASP B 92 -4.28 4.37 21.10
CA ASP B 92 -5.71 4.21 20.78
C ASP B 92 -5.95 4.15 19.28
N LEU B 93 -5.22 4.94 18.52
CA LEU B 93 -5.59 5.25 17.15
C LEU B 93 -4.81 4.45 16.13
N LYS B 94 -3.58 4.07 16.45
CA LYS B 94 -2.70 3.45 15.47
C LYS B 94 -3.29 2.12 15.04
N GLY B 95 -3.27 1.90 13.73
CA GLY B 95 -3.84 0.70 13.14
C GLY B 95 -5.33 0.73 12.95
N LYS B 96 -5.99 1.83 13.27
CA LYS B 96 -7.43 1.96 13.15
C LYS B 96 -7.73 3.19 12.30
N TYR B 97 -9.00 3.58 12.27
CA TYR B 97 -9.47 4.73 11.53
C TYR B 97 -10.31 5.58 12.44
N VAL B 98 -10.05 6.87 12.42
CA VAL B 98 -10.74 7.83 13.26
C VAL B 98 -11.65 8.68 12.39
N GLN B 99 -12.88 8.88 12.85
CA GLN B 99 -13.88 9.65 12.16
C GLN B 99 -13.91 11.03 12.79
N ILE B 100 -13.78 12.07 11.96
CA ILE B 100 -13.66 13.45 12.40
C ILE B 100 -14.82 14.24 11.80
N PRO B 101 -15.62 14.94 12.60
CA PRO B 101 -16.65 15.81 12.02
C PRO B 101 -16.05 16.68 10.91
N THR B 102 -16.73 16.74 9.77
CA THR B 102 -16.19 17.43 8.62
C THR B 102 -15.87 18.88 8.94
N THR B 103 -16.55 19.45 9.94
CA THR B 103 -16.30 20.83 10.34
C THR B 103 -15.03 20.98 11.16
N CYS B 104 -14.50 19.90 11.72
CA CYS B 104 -13.26 19.95 12.47
C CYS B 104 -12.12 19.25 11.76
N ALA B 105 -12.31 18.83 10.52
CA ALA B 105 -11.29 18.03 9.84
C ALA B 105 -10.08 18.83 9.40
N ASN B 106 -10.07 20.13 9.64
CA ASN B 106 -8.84 20.91 9.43
C ASN B 106 -7.78 20.61 10.49
N ASP B 107 -8.18 19.99 11.61
CA ASP B 107 -7.27 19.73 12.72
C ASP B 107 -7.68 18.41 13.36
N PRO B 108 -7.47 17.30 12.66
CA PRO B 108 -7.85 15.99 13.26
C PRO B 108 -7.09 15.69 14.54
N VAL B 109 -5.82 16.08 14.62
CA VAL B 109 -5.05 15.79 15.83
C VAL B 109 -5.65 16.54 17.01
N GLY B 110 -5.86 17.85 16.84
CA GLY B 110 -6.51 18.61 17.90
C GLY B 110 -7.85 18.03 18.29
N PHE B 111 -8.66 17.63 17.29
CA PHE B 111 -9.94 17.04 17.62
C PHE B 111 -9.78 15.81 18.52
N THR B 112 -9.00 14.83 18.06
CA THR B 112 -8.85 13.59 18.82
C THR B 112 -8.33 13.88 20.22
N LEU B 113 -7.41 14.83 20.34
CA LEU B 113 -6.80 15.13 21.62
C LEU B 113 -7.81 15.71 22.59
N LYS B 114 -8.65 16.62 22.10
CA LYS B 114 -9.55 17.39 22.95
C LYS B 114 -10.88 16.70 23.19
N ASN B 115 -11.14 15.54 22.58
CA ASN B 115 -12.49 14.98 22.64
C ASN B 115 -12.45 13.55 23.15
N THR B 116 -13.64 13.02 23.42
CA THR B 116 -13.78 11.80 24.20
C THR B 116 -14.83 10.89 23.58
N VAL B 117 -14.49 9.60 23.52
CA VAL B 117 -15.36 8.57 22.96
C VAL B 117 -16.25 8.03 24.07
N CYS B 118 -17.55 7.98 23.81
CA CYS B 118 -18.46 7.32 24.75
C CYS B 118 -18.14 5.84 24.84
N THR B 119 -17.81 5.39 26.05
CA THR B 119 -17.47 3.99 26.27
C THR B 119 -18.64 3.04 26.03
N VAL B 120 -19.84 3.56 25.79
CA VAL B 120 -21.00 2.69 25.63
C VAL B 120 -21.37 2.55 24.16
N CYS B 121 -21.60 3.67 23.48
CA CYS B 121 -22.10 3.62 22.12
C CYS B 121 -21.02 3.78 21.06
N GLY B 122 -19.80 4.15 21.45
CA GLY B 122 -18.71 4.25 20.51
C GLY B 122 -18.64 5.55 19.73
N MET B 123 -19.52 6.50 20.02
CA MET B 123 -19.53 7.77 19.33
C MET B 123 -18.72 8.80 20.11
N TRP B 124 -18.36 9.88 19.44
CA TRP B 124 -17.72 10.99 20.13
C TRP B 124 -18.73 11.66 21.04
N LYS B 125 -18.36 11.86 22.31
CA LYS B 125 -19.19 12.66 23.21
C LYS B 125 -19.42 14.04 22.62
N GLY B 126 -20.69 14.41 22.43
CA GLY B 126 -21.04 15.70 21.89
C GLY B 126 -21.01 15.78 20.38
N TYR B 127 -20.67 14.69 19.70
CA TYR B 127 -20.62 14.66 18.25
C TYR B 127 -21.17 13.31 17.79
N GLY B 128 -22.30 12.91 18.37
CA GLY B 128 -22.93 11.66 18.00
C GLY B 128 -23.46 10.85 19.16
N CYS B 129 -22.87 11.02 20.34
CA CYS B 129 -23.32 10.27 21.51
C CYS B 129 -24.64 10.84 22.01
N SER B 130 -25.70 10.02 21.92
CA SER B 130 -27.02 10.39 22.42
C SER B 130 -27.43 9.54 23.62
N CYS B 131 -26.46 8.92 24.31
CA CYS B 131 -26.77 8.11 25.47
C CYS B 131 -27.43 8.96 26.56
N ASP B 132 -27.10 10.24 26.62
CA ASP B 132 -27.48 11.11 27.72
C ASP B 132 -28.70 11.97 27.34
N GLN B 133 -29.80 11.32 26.99
CA GLN B 133 -31.01 12.07 26.60
C GLN B 133 -32.34 11.45 26.98
C1 EDO C . 17.13 1.77 -8.68
O1 EDO C . 16.42 2.83 -8.04
C2 EDO C . 17.30 0.61 -7.71
O2 EDO C . 17.89 1.06 -6.49
H11 EDO C . 18.11 2.12 -9.02
H12 EDO C . 16.58 1.43 -9.56
HO1 EDO C . 16.39 3.59 -8.63
H21 EDO C . 17.94 -0.16 -8.16
H22 EDO C . 16.33 0.16 -7.50
HO2 EDO C . 17.81 0.37 -5.81
O1 MES D . -7.15 -12.99 -12.52
C2 MES D . -6.33 -13.71 -13.43
C3 MES D . -6.12 -12.92 -14.72
N4 MES D . -7.42 -12.61 -15.29
C5 MES D . -8.39 -12.01 -14.37
C6 MES D . -8.45 -12.78 -13.06
C7 MES D . -7.37 -11.93 -16.60
C8 MES D . -6.89 -12.91 -17.66
S MES D . -6.91 -12.35 -19.21
O1S MES D . -5.71 -12.81 -19.92
O2S MES D . -7.00 -10.89 -19.32
O3S MES D . -8.06 -12.96 -19.88
H21 MES D . -5.36 -13.91 -12.97
H22 MES D . -6.80 -14.66 -13.66
H31 MES D . -5.58 -11.99 -14.51
H32 MES D . -5.53 -13.51 -15.43
HN4 MES D . -7.80 -13.54 -15.48
H51 MES D . -9.38 -11.99 -14.84
H52 MES D . -8.09 -10.97 -14.18
H61 MES D . -8.93 -13.74 -13.24
H62 MES D . -9.05 -12.22 -12.35
H71 MES D . -6.69 -11.08 -16.53
H72 MES D . -8.36 -11.56 -16.86
H81 MES D . -5.87 -13.21 -17.41
H82 MES D . -7.52 -13.82 -17.60
C1 EDO E . 13.64 -13.99 11.31
O1 EDO E . 13.86 -12.66 11.81
C2 EDO E . 14.38 -14.09 9.98
O2 EDO E . 15.72 -13.64 10.19
H11 EDO E . 12.58 -14.17 11.17
H12 EDO E . 14.03 -14.72 12.02
HO1 EDO E . 13.44 -12.58 12.69
H21 EDO E . 14.37 -15.12 9.63
H22 EDO E . 13.88 -13.48 9.23
HO2 EDO E . 16.19 -13.63 9.35
C1 EDO F . 15.00 8.20 -21.64
O1 EDO F . 14.27 9.24 -20.99
C2 EDO F . 16.48 8.54 -21.69
O2 EDO F . 17.26 7.35 -21.49
H11 EDO F . 14.86 7.26 -21.10
H12 EDO F . 14.62 8.07 -22.66
HO1 EDO F . 13.34 8.99 -20.94
H21 EDO F . 16.72 9.26 -20.91
H22 EDO F . 16.73 8.98 -22.66
HO2 EDO F . 18.20 7.59 -21.43
C1 EDO G . -11.83 13.81 -13.99
O1 EDO G . -11.35 12.99 -12.91
C2 EDO G . -10.57 14.42 -14.59
O2 EDO G . -9.63 14.44 -13.52
H11 EDO G . -12.51 14.59 -13.63
H12 EDO G . -12.36 13.22 -14.73
HO1 EDO G . -12.11 12.61 -12.45
H21 EDO G . -10.20 13.81 -15.42
H22 EDO G . -10.77 15.42 -14.97
HO2 EDO G . -8.82 14.88 -13.80
C1 EDO H . -13.05 20.50 -5.42
O1 EDO H . -13.72 19.65 -4.48
C2 EDO H . -12.38 19.66 -6.49
O2 EDO H . -12.16 18.33 -6.05
H11 EDO H . -12.31 21.10 -4.90
H12 EDO H . -13.77 21.18 -5.88
HO1 EDO H . -13.76 20.09 -3.62
H21 EDO H . -11.43 20.11 -6.75
H22 EDO H . -13.01 19.65 -7.38
HO2 EDO H . -11.66 17.85 -6.72
C1 EDO I . 14.87 -14.15 -11.88
O1 EDO I . 15.81 -13.71 -10.89
C2 EDO I . 15.20 -15.58 -12.30
O2 EDO I . 14.17 -16.06 -13.17
H11 EDO I . 13.86 -14.10 -11.49
H12 EDO I . 14.93 -13.49 -12.75
HO1 EDO I . 15.60 -12.80 -10.64
H21 EDO I . 16.16 -15.61 -12.80
H22 EDO I . 15.26 -16.21 -11.42
HO2 EDO I . 14.33 -17.00 -13.37
C1 EDO J . 23.14 -2.47 7.37
O1 EDO J . 24.33 -1.80 6.92
C2 EDO J . 23.46 -3.93 7.70
O2 EDO J . 23.40 -4.74 6.51
H11 EDO J . 22.76 -1.97 8.25
H12 EDO J . 22.39 -2.43 6.58
HO1 EDO J . 24.12 -0.88 6.72
H21 EDO J . 24.46 -4.01 8.13
H22 EDO J . 22.74 -4.30 8.42
HO2 EDO J . 23.59 -5.66 6.74
C1 EDO K . 17.32 -10.86 -1.35
O1 EDO K . 16.76 -11.77 -0.41
C2 EDO K . 18.41 -11.54 -2.17
O2 EDO K . 19.11 -10.58 -2.96
H11 EDO K . 17.74 -10.00 -0.82
H12 EDO K . 16.54 -10.49 -2.02
HO1 EDO K . 16.12 -11.31 0.15
H21 EDO K . 19.12 -12.04 -1.51
H22 EDO K . 17.97 -12.29 -2.81
HO2 EDO K . 19.76 -11.03 -3.52
C1 EDO L . -7.76 -7.92 -16.40
O1 EDO L . -7.19 -6.61 -16.48
C2 EDO L . -8.47 -8.13 -15.08
O2 EDO L . -9.30 -7.01 -14.75
H11 EDO L . -8.47 -8.05 -17.22
H12 EDO L . -6.98 -8.67 -16.51
HO1 EDO L . -6.84 -6.46 -17.35
H21 EDO L . -9.08 -9.03 -15.13
H22 EDO L . -7.73 -8.27 -14.28
HO2 EDO L . -9.68 -7.13 -13.86
C1 EDO M . 2.79 -12.85 -21.86
O1 EDO M . 4.07 -12.77 -21.22
C2 EDO M . 3.05 -12.98 -23.36
O2 EDO M . 4.25 -13.73 -23.53
H11 EDO M . 2.21 -11.95 -21.66
H12 EDO M . 2.23 -13.70 -21.49
HO1 EDO M . 3.97 -13.03 -20.30
H21 EDO M . 2.20 -13.49 -23.83
H22 EDO M . 3.14 -11.99 -23.81
HO2 EDO M . 4.43 -13.82 -24.48
C1 EDO N . -7.66 -12.06 8.85
O1 EDO N . -7.27 -13.29 9.46
C2 EDO N . -6.89 -11.84 7.55
O2 EDO N . -7.40 -12.71 6.54
H11 EDO N . -7.46 -11.23 9.53
H12 EDO N . -8.73 -12.07 8.64
HO1 EDO N . -7.78 -13.42 10.27
H21 EDO N . -5.83 -12.05 7.73
H22 EDO N . -6.99 -10.81 7.23
HO2 EDO N . -6.92 -12.56 5.72
C1 EDO O . 8.44 9.39 -14.32
O1 EDO O . 8.57 9.15 -12.91
C2 EDO O . 7.17 10.19 -14.56
O2 EDO O . 6.72 10.02 -15.91
H11 EDO O . 8.39 8.43 -14.85
H12 EDO O . 9.31 9.94 -14.69
HO1 EDO O . 9.31 8.55 -12.76
H21 EDO O . 6.39 9.87 -13.88
H22 EDO O . 7.37 11.25 -14.37
HO2 EDO O . 5.94 10.56 -16.07
C1 EDO P . -12.17 -11.93 -8.63
O1 EDO P . -13.02 -10.96 -9.24
C2 EDO P . -11.62 -12.91 -9.66
O2 EDO P . -12.21 -12.71 -10.95
H11 EDO P . -12.73 -12.47 -7.87
H12 EDO P . -11.34 -11.42 -8.14
HO1 EDO P . -13.33 -10.34 -8.58
H21 EDO P . -11.83 -13.93 -9.32
H22 EDO P . -10.55 -12.79 -9.73
HO2 EDO P . -11.82 -13.34 -11.58
C1 EDO Q . -10.28 18.13 5.03
O1 EDO Q . -9.13 17.34 4.70
C2 EDO Q . -11.03 18.51 3.79
O2 EDO Q . -10.16 19.05 2.79
H11 EDO Q . -9.95 19.02 5.56
H12 EDO Q . -10.92 17.56 5.70
HO1 EDO Q . -8.68 17.07 5.51
H21 EDO Q . -11.80 19.24 4.03
H22 EDO Q . -11.54 17.62 3.38
HO2 EDO Q . -10.69 19.31 2.01
C1 EDO R . 6.73 8.47 -9.18
O1 EDO R . 6.03 8.72 -7.96
C2 EDO R . 5.79 8.26 -10.35
O2 EDO R . 4.76 9.27 -10.38
H11 EDO R . 7.38 9.32 -9.40
H12 EDO R . 7.36 7.59 -9.06
HO1 EDO R . 6.67 8.79 -7.23
H21 EDO R . 5.32 7.28 -10.26
H22 EDO R . 6.35 8.29 -11.29
HO2 EDO R . 4.27 9.20 -11.21
C1 EDO S . -5.69 -0.07 -26.49
O1 EDO S . -4.90 -0.52 -27.59
C2 EDO S . -6.78 -1.08 -26.17
O2 EDO S . -6.23 -2.38 -25.97
H11 EDO S . -6.15 0.89 -26.73
H12 EDO S . -5.06 0.07 -25.61
HO1 EDO S . -4.23 0.16 -27.79
H21 EDO S . -7.50 -1.11 -27.00
H22 EDO S . -7.32 -0.77 -25.27
HO2 EDO S . -6.95 -3.02 -25.84
C1 EDO T . -4.20 16.69 0.19
O1 EDO T . -4.61 17.99 0.65
C2 EDO T . -2.70 16.57 0.35
O2 EDO T . -2.18 15.52 -0.47
H11 EDO T . -4.48 16.54 -0.84
H12 EDO T . -4.69 15.92 0.79
HO1 EDO T . -5.57 18.08 0.54
H21 EDO T . -2.22 17.52 0.08
H22 EDO T . -2.45 16.36 1.40
HO2 EDO T . -1.21 15.50 -0.40
N1 A1IOL U . 7.88 14.19 -21.99
N3 A1IOL U . 7.68 11.62 -19.75
C4 A1IOL U . 7.54 12.50 -20.77
C5 A1IOL U . 6.83 10.42 -19.72
C6 A1IOL U . 8.25 15.52 -22.57
C7 A1IOL U . 9.45 15.42 -23.40
C8 A1IOL U . 9.41 16.51 -24.49
C10 A1IOL U . 9.10 18.61 -22.96
C13 A1IOL U . 4.74 17.90 -21.46
C15 A1IOL U . 2.97 17.68 -23.28
C20 A1IOL U . 10.71 15.52 -22.60
C21 A1IOL U . 10.34 13.24 -17.75
N A1IOL U . 9.35 12.99 -18.82
C A1IOL U . 8.59 11.86 -18.75
O A1IOL U . 8.70 11.09 -17.85
C1 A1IOL U . 9.21 13.87 -19.86
C11 A1IOL U . 6.95 19.09 -21.66
C12 A1IOL U . 5.77 18.74 -20.69
C14 A1IOL U . 3.92 18.66 -22.54
C16 A1IOL U . 3.57 17.10 -24.57
C19 A1IOL U . 8.11 16.70 -21.49
C2 A1IOL U . 8.29 13.66 -20.88
C3 A1IOL U . 7.00 13.63 -22.63
C9 A1IOL U . 8.86 17.92 -24.29
N2 A1IOL U . 6.70 12.49 -21.91
N4 A1IOL U . 8.09 18.11 -22.03
N5 A1IOL U . 5.20 19.94 -20.14
N6 A1IOL U . 4.65 16.15 -24.28
O1 A1IOL U . 9.90 14.83 -19.85
O2 A1IOL U . 9.32 14.18 -24.01
O3 A1IOL U . 7.46 17.84 -24.46
O4 A1IOL U . 6.96 20.20 -22.13
H4 A1IOL U . 5.80 10.70 -19.89
H6 A1IOL U . 7.16 9.73 -20.49
H5 A1IOL U . 6.92 9.94 -18.74
H A1IOL U . 7.53 15.86 -23.30
H9 A1IOL U . 10.44 16.64 -24.80
H8 A1IOL U . 8.86 16.08 -25.31
H12 A1IOL U . 9.02 19.68 -23.06
H11 A1IOL U . 10.09 18.35 -22.59
H15 A1IOL U . 5.27 17.09 -21.95
H16 A1IOL U . 4.04 17.49 -20.74
H19 A1IOL U . 2.05 18.21 -23.53
H20 A1IOL U . 2.72 16.87 -22.61
H29 A1IOL U . 11.56 15.60 -23.26
H31 A1IOL U . 10.81 14.63 -21.98
H30 A1IOL U . 10.66 16.40 -21.96
H32 A1IOL U . 10.00 14.08 -17.13
H33 A1IOL U . 10.43 12.36 -17.13
H34 A1IOL U . 11.30 13.49 -18.18
H2 A1IOL U . 6.12 18.16 -19.85
H18 A1IOL U . 4.60 19.10 -23.27
H17 A1IOL U . 3.35 19.45 -22.07
H22 A1IOL U . 2.79 16.58 -25.12
H21 A1IOL U . 3.97 17.91 -25.17
H27 A1IOL U . 7.19 16.54 -20.95
H28 A1IOL U . 8.95 16.62 -20.81
H3 A1IOL U . 6.77 13.79 -23.67
H1 A1IOL U . 9.38 18.53 -25.02
H13 A1IOL U . 4.57 19.71 -19.41
H35 A1IOL U . 5.94 20.52 -19.76
H23 A1IOL U . 4.30 15.21 -24.32
H7 A1IOL U . 9.86 14.16 -24.78
H10 A1IOL U . 7.09 18.57 -24.94
H292 A1IOL U . 5.37 16.25 -24.97
N SAM V . 4.33 4.64 -0.47
CA SAM V . 4.68 5.97 -0.08
C SAM V . 3.30 6.51 0.22
O SAM V . 2.99 7.69 0.11
OXT SAM V . 2.41 5.70 0.49
CB SAM V . 5.38 6.68 -1.20
CG SAM V . 6.80 6.10 -1.31
SD SAM V . 7.88 7.06 -2.27
CE SAM V . 7.06 7.56 -3.66
C5' SAM V . 9.27 6.20 -2.69
C4' SAM V . 9.89 5.47 -1.53
O4' SAM V . 10.74 4.52 -1.83
C3' SAM V . 10.73 6.45 -0.47
O3' SAM V . 9.86 6.61 0.69
C2' SAM V . 11.86 5.96 -0.29
O2' SAM V . 12.46 6.25 1.03
C1' SAM V . 11.79 4.42 -0.70
N9 SAM V . 12.87 3.64 -0.86
C8 SAM V . 13.48 4.06 -1.89
N7 SAM V . 14.56 3.30 -2.03
C5 SAM V . 14.66 2.41 -1.09
C6 SAM V . 15.59 1.41 -0.82
N6 SAM V . 16.89 0.91 -1.42
N1 SAM V . 15.36 0.67 0.22
C2 SAM V . 14.31 0.85 0.98
N3 SAM V . 13.47 1.82 0.65
C4 SAM V . 13.60 2.62 -0.37
HN1 SAM V . 4.94 3.94 -0.13
HN2 SAM V . 4.13 4.54 -1.41
HA SAM V . 5.36 6.08 0.74
HB1 SAM V . 4.85 6.53 -2.13
HB2 SAM V . 5.43 7.74 -0.98
HG1 SAM V . 7.23 6.03 -0.30
HG2 SAM V . 6.73 5.11 -1.77
HE1 SAM V . 7.77 7.67 -4.46
HE2 SAM V . 6.59 8.50 -3.47
HE3 SAM V . 6.33 6.83 -3.93
H5'1 SAM V . 9.02 5.48 -3.45
H5'2 SAM V . 9.99 6.90 -3.09
H4' SAM V . 9.01 5.02 -1.01
H3' SAM V . 10.98 7.41 -0.86
HO3' SAM V . 9.36 5.86 0.83
H2' SAM V . 12.53 6.43 -1.01
HO2' SAM V . 11.91 6.12 1.76
H1' SAM V . 11.46 3.82 0.15
H8 SAM V . 13.19 4.88 -2.52
HN61 SAM V . 17.13 -0.07 -1.52
HN62 SAM V . 17.56 1.58 -1.78
H2 SAM V . 14.12 0.22 1.86
CL CL W . 9.23 -11.48 -24.11
CL CL X . 7.34 -25.17 -1.14
C1 EDO Y . 10.60 -0.70 -33.09
O1 EDO Y . 10.84 -2.06 -32.72
C2 EDO Y . 11.03 0.25 -31.99
O2 EDO Y . 10.06 0.32 -30.95
H11 EDO Y . 9.52 -0.57 -33.28
H12 EDO Y . 11.13 -0.47 -34.01
HO1 EDO Y . 10.52 -2.66 -33.41
H21 EDO Y . 11.99 -0.09 -31.57
H22 EDO Y . 11.19 1.25 -32.41
HO2 EDO Y . 10.31 1.00 -30.32
C1 EDO Z . -14.24 -0.20 -10.25
O1 EDO Z . -14.42 0.98 -11.04
C2 EDO Z . -13.99 0.17 -8.79
O2 EDO Z . -15.14 0.81 -8.24
H11 EDO Z . -15.12 -0.84 -10.33
H12 EDO Z . -13.38 -0.76 -10.63
HO1 EDO Z . -14.62 0.72 -11.95
H21 EDO Z . -13.78 -0.74 -8.23
H22 EDO Z . -13.13 0.83 -8.73
HO2 EDO Z . -14.95 1.08 -7.33
C1 EDO AA . 14.97 -12.43 3.99
O1 EDO AA . 14.71 -13.38 5.02
C2 EDO AA . 14.79 -13.08 2.62
O2 EDO AA . 15.38 -12.28 1.59
H11 EDO AA . 15.99 -12.05 4.08
H12 EDO AA . 14.28 -11.58 4.08
HO1 EDO AA . 14.83 -12.96 5.88
H21 EDO AA . 13.72 -13.20 2.41
H22 EDO AA . 15.24 -14.07 2.63
HO2 EDO AA . 15.29 -12.71 0.74
C1 EDO BA . 10.71 7.78 3.46
O1 EDO BA . 10.79 8.92 2.60
C2 EDO BA . 9.88 8.10 4.68
O2 EDO BA . 10.20 7.18 5.72
H11 EDO BA . 10.25 6.95 2.91
H12 EDO BA . 11.71 7.47 3.76
HO1 EDO BA . 11.46 8.76 1.92
H21 EDO BA . 8.81 8.05 4.44
H22 EDO BA . 10.08 9.12 5.02
HO2 EDO BA . 9.79 7.45 6.54
ZN ZN CA . -0.35 7.11 18.69
ZN ZN DA . -22.86 7.20 24.05
C1 EDO EA . -9.56 9.76 22.19
O1 EDO EA . -9.45 11.08 22.73
C2 EDO EA . -8.36 9.44 21.31
O2 EDO EA . -7.20 9.19 22.11
H11 EDO EA . -9.63 9.05 23.01
H12 EDO EA . -10.47 9.68 21.60
HO1 EDO EA . -10.20 11.26 23.32
H21 EDO EA . -8.17 10.27 20.63
H22 EDO EA . -8.59 8.55 20.71
HO2 EDO EA . -6.44 9.03 21.54
CL CL FA . 4.43 17.33 13.34
C1 EDO GA . -5.78 18.33 7.50
O1 EDO GA . -6.99 17.58 7.44
C2 EDO GA . -4.61 17.39 7.26
O2 EDO GA . -4.19 16.96 8.56
H11 EDO GA . -5.79 19.12 6.74
H12 EDO GA . -5.68 18.80 8.48
HO1 EDO GA . -7.75 18.17 7.59
H21 EDO GA . -4.91 16.54 6.65
H22 EDO GA . -3.80 17.91 6.74
HO2 EDO GA . -3.23 16.99 8.61
#